data_2H1R
#
_entry.id   2H1R
#
_cell.length_a   62.008
_cell.length_b   82.222
_cell.length_c   75.909
_cell.angle_alpha   90.00
_cell.angle_beta   112.04
_cell.angle_gamma   90.00
#
_symmetry.space_group_name_H-M   'P 1 21 1'
#
loop_
_entity.id
_entity.type
_entity.pdbx_description
1 polymer 'Dimethyladenosine transferase, putative'
2 water water
#
_entity_poly.entity_id   1
_entity_poly.type   'polypeptide(L)'
_entity_poly.pdbx_seq_one_letter_code
;MGSSHHHHHHSSGRENLYFQGQHLLKNPGILDKIIYAAKIKSSDIVLEIGCGTGNLTVKLLPLAKKVITIDIDSRMISEV
KKRCLYEGYNNLEVYEGDAIKTVFPKFDVCTANIPYKISSPLIFKLISHRPLFKCAVLMFQKEFAERMLANVGDSNYSRL
TINVKLFCKVTKVCNVNRSSFNPPPKVDSVIVKLIPKESSFLTNFDEWDNLLRICFSRKRKTLHAIFKRNAVLNMLEHNY
KNWCTLNKQVPVNFPFKKYCLDVLEHLDMCEKRSINLDENDFLKLLLEFNKKGIHFFNI
;
_entity_poly.pdbx_strand_id   A,B
#
# COMPACT_ATOMS: atom_id res chain seq x y z
N HIS A 23 -7.99 -31.11 -3.36
CA HIS A 23 -7.23 -30.91 -2.11
C HIS A 23 -5.73 -31.01 -2.40
N LEU A 24 -5.12 -32.15 -2.11
CA LEU A 24 -3.64 -32.20 -2.25
C LEU A 24 -3.18 -32.78 -3.57
N LEU A 25 -2.27 -32.08 -4.21
CA LEU A 25 -1.70 -32.52 -5.47
C LEU A 25 -0.93 -33.82 -5.24
N LYS A 26 -1.22 -34.86 -6.03
CA LYS A 26 -0.44 -36.10 -5.97
C LYS A 26 -0.23 -36.50 -7.40
N ASN A 27 0.83 -35.94 -7.97
CA ASN A 27 1.20 -36.24 -9.33
C ASN A 27 2.66 -35.82 -9.60
N PRO A 28 3.60 -36.80 -9.53
CA PRO A 28 5.04 -36.53 -9.73
C PRO A 28 5.40 -35.76 -10.98
N GLY A 29 4.73 -36.08 -12.09
CA GLY A 29 5.01 -35.41 -13.35
C GLY A 29 4.63 -33.94 -13.34
N ILE A 30 3.58 -33.57 -12.61
CA ILE A 30 3.22 -32.13 -12.46
C ILE A 30 4.28 -31.39 -11.61
N LEU A 31 4.68 -31.99 -10.49
CA LEU A 31 5.76 -31.39 -9.71
C LEU A 31 7.00 -31.12 -10.55
N ASP A 32 7.36 -32.06 -11.43
CA ASP A 32 8.48 -31.86 -12.35
C ASP A 32 8.32 -30.64 -13.25
N LYS A 33 7.08 -30.41 -13.71
CA LYS A 33 6.79 -29.27 -14.58
C LYS A 33 6.92 -27.95 -13.82
N ILE A 34 6.47 -27.96 -12.56
CA ILE A 34 6.59 -26.76 -11.70
C ILE A 34 8.08 -26.37 -11.58
N ILE A 35 8.90 -27.37 -11.23
CA ILE A 35 10.34 -27.16 -10.99
C ILE A 35 11.02 -26.64 -12.26
N TYR A 36 10.69 -27.23 -13.40
CA TYR A 36 11.27 -26.79 -14.69
C TYR A 36 10.92 -25.34 -15.00
N ALA A 37 9.65 -24.99 -14.80
CA ALA A 37 9.21 -23.62 -15.02
C ALA A 37 9.88 -22.60 -14.08
N ALA A 38 10.09 -22.99 -12.82
CA ALA A 38 10.60 -22.07 -11.80
C ALA A 38 12.06 -21.64 -12.02
N LYS A 39 12.88 -22.49 -12.66
CA LYS A 39 14.31 -22.17 -12.96
C LYS A 39 15.09 -21.71 -11.71
N ILE A 40 14.99 -22.48 -10.63
CA ILE A 40 15.53 -22.03 -9.34
C ILE A 40 17.09 -22.12 -9.31
N LYS A 41 17.75 -21.07 -8.82
CA LYS A 41 19.22 -21.11 -8.63
C LYS A 41 19.60 -21.31 -7.17
N SER A 42 20.82 -21.79 -6.90
CA SER A 42 21.19 -22.03 -5.48
C SER A 42 21.38 -20.75 -4.66
N SER A 43 21.34 -19.61 -5.33
CA SER A 43 21.35 -18.33 -4.62
C SER A 43 19.93 -17.82 -4.32
N ASP A 44 18.90 -18.47 -4.84
CA ASP A 44 17.48 -18.03 -4.73
C ASP A 44 16.82 -18.46 -3.43
N ILE A 45 16.12 -17.54 -2.76
CA ILE A 45 15.17 -17.88 -1.68
C ILE A 45 13.81 -18.19 -2.35
N VAL A 46 13.21 -19.34 -1.99
CA VAL A 46 11.94 -19.78 -2.54
C VAL A 46 10.87 -19.62 -1.44
N LEU A 47 9.77 -18.92 -1.75
CA LEU A 47 8.58 -18.89 -0.89
C LEU A 47 7.59 -19.94 -1.40
N GLU A 48 7.24 -20.90 -0.56
CA GLU A 48 6.26 -21.93 -0.95
C GLU A 48 5.01 -21.69 -0.10
N ILE A 49 3.90 -21.43 -0.77
CA ILE A 49 2.63 -21.19 -0.07
C ILE A 49 1.79 -22.45 -0.19
N GLY A 50 1.57 -23.14 0.93
CA GLY A 50 0.78 -24.36 0.94
C GLY A 50 1.61 -25.62 0.66
N CYS A 51 2.27 -26.15 1.69
CA CYS A 51 3.23 -27.24 1.47
C CYS A 51 2.67 -28.67 1.49
N GLY A 52 1.40 -28.83 1.86
CA GLY A 52 0.78 -30.15 1.96
C GLY A 52 1.63 -31.15 2.72
N THR A 53 1.97 -32.25 2.07
CA THR A 53 2.76 -33.31 2.71
C THR A 53 4.28 -33.10 2.48
N GLY A 54 4.63 -32.02 1.80
CA GLY A 54 6.03 -31.67 1.53
C GLY A 54 6.57 -32.32 0.28
N ASN A 55 5.66 -32.85 -0.57
CA ASN A 55 6.08 -33.47 -1.84
C ASN A 55 6.82 -32.53 -2.81
N LEU A 56 6.35 -31.29 -2.94
CA LEU A 56 7.10 -30.26 -3.69
C LEU A 56 8.28 -29.65 -2.87
N THR A 57 8.06 -29.45 -1.57
CA THR A 57 9.11 -28.93 -0.68
C THR A 57 10.44 -29.67 -0.81
N VAL A 58 10.38 -31.00 -0.77
CA VAL A 58 11.59 -31.80 -0.80
C VAL A 58 12.32 -31.68 -2.15
N LYS A 59 11.60 -31.25 -3.19
CA LYS A 59 12.20 -31.10 -4.50
C LYS A 59 12.80 -29.72 -4.66
N LEU A 60 12.25 -28.75 -3.93
CA LEU A 60 12.75 -27.35 -3.92
C LEU A 60 14.07 -27.14 -3.14
N LEU A 61 14.14 -27.77 -1.99
CA LEU A 61 15.27 -27.61 -1.03
C LEU A 61 16.71 -27.84 -1.57
N PRO A 62 16.95 -28.92 -2.33
CA PRO A 62 18.29 -29.10 -2.96
C PRO A 62 18.57 -28.10 -4.09
N LEU A 63 17.53 -27.37 -4.57
CA LEU A 63 17.68 -26.39 -5.63
C LEU A 63 17.93 -24.99 -5.13
N ALA A 64 17.17 -24.60 -4.11
CA ALA A 64 17.12 -23.24 -3.63
C ALA A 64 18.15 -23.04 -2.55
N LYS A 65 18.55 -21.78 -2.33
CA LYS A 65 19.40 -21.42 -1.18
C LYS A 65 18.71 -21.87 0.11
N LYS A 66 17.46 -21.44 0.22
CA LYS A 66 16.58 -21.88 1.28
C LYS A 66 15.12 -21.72 0.88
N VAL A 67 14.26 -22.45 1.58
CA VAL A 67 12.82 -22.45 1.31
C VAL A 67 12.10 -21.96 2.56
N ILE A 68 11.17 -21.03 2.36
CA ILE A 68 10.31 -20.56 3.46
C ILE A 68 8.93 -21.01 3.05
N THR A 69 8.26 -21.71 3.96
CA THR A 69 6.94 -22.21 3.63
C THR A 69 5.90 -21.63 4.58
N ILE A 70 4.71 -21.35 4.04
CA ILE A 70 3.58 -20.83 4.79
C ILE A 70 2.44 -21.81 4.57
N ASP A 71 1.98 -22.46 5.64
CA ASP A 71 0.76 -23.26 5.59
C ASP A 71 -0.23 -22.87 6.71
N ILE A 72 -1.50 -23.07 6.42
CA ILE A 72 -2.58 -22.68 7.33
C ILE A 72 -2.66 -23.59 8.57
N ASP A 73 -2.16 -24.83 8.46
CA ASP A 73 -2.23 -25.81 9.56
C ASP A 73 -0.88 -26.17 10.18
N SER A 74 -0.79 -25.96 11.50
CA SER A 74 0.42 -26.22 12.27
C SER A 74 0.77 -27.71 12.43
N ARG A 75 -0.21 -28.60 12.24
CA ARG A 75 0.01 -30.03 12.45
C ARG A 75 0.60 -30.72 11.22
N MET A 76 0.24 -30.23 10.03
CA MET A 76 0.86 -30.72 8.81
C MET A 76 2.30 -30.17 8.70
N ILE A 77 2.51 -28.94 9.16
CA ILE A 77 3.84 -28.30 9.16
C ILE A 77 4.92 -29.16 9.86
N SER A 78 4.63 -29.68 11.04
CA SER A 78 5.62 -30.48 11.78
C SER A 78 5.99 -31.78 11.07
N GLU A 79 5.07 -32.35 10.30
CA GLU A 79 5.40 -33.56 9.53
C GLU A 79 6.38 -33.25 8.37
N VAL A 80 6.14 -32.14 7.67
CA VAL A 80 6.99 -31.72 6.56
C VAL A 80 8.40 -31.39 7.06
N LYS A 81 8.45 -30.61 8.14
CA LYS A 81 9.70 -30.33 8.85
C LYS A 81 10.47 -31.61 9.18
N LYS A 82 9.81 -32.57 9.83
CA LYS A 82 10.44 -33.88 10.12
C LYS A 82 10.92 -34.58 8.86
N ARG A 83 10.09 -34.56 7.83
CA ARG A 83 10.41 -35.19 6.57
C ARG A 83 11.68 -34.60 5.95
N CYS A 84 11.72 -33.28 5.87
CA CYS A 84 12.85 -32.60 5.22
C CYS A 84 14.16 -32.84 6.00
N LEU A 85 14.12 -32.72 7.32
CA LEU A 85 15.25 -33.02 8.19
C LEU A 85 15.75 -34.44 7.94
N TYR A 86 14.82 -35.39 7.94
CA TYR A 86 15.11 -36.81 7.67
C TYR A 86 15.84 -37.05 6.36
N GLU A 87 15.46 -36.31 5.32
CA GLU A 87 16.10 -36.48 4.03
C GLU A 87 17.40 -35.69 3.91
N GLY A 88 17.78 -35.00 4.98
CA GLY A 88 19.10 -34.31 5.05
C GLY A 88 19.08 -32.83 4.69
N TYR A 89 17.90 -32.20 4.70
CA TYR A 89 17.77 -30.78 4.36
C TYR A 89 17.56 -29.97 5.61
N ASN A 90 18.52 -29.09 5.87
CA ASN A 90 18.45 -28.24 7.02
C ASN A 90 18.09 -26.82 6.63
N ASN A 91 17.81 -26.61 5.34
CA ASN A 91 17.55 -25.25 4.84
C ASN A 91 16.05 -24.93 4.66
N LEU A 92 15.20 -25.52 5.50
CA LEU A 92 13.76 -25.20 5.49
C LEU A 92 13.36 -24.33 6.68
N GLU A 93 12.59 -23.28 6.39
CA GLU A 93 12.11 -22.33 7.38
C GLU A 93 10.60 -22.28 7.28
N VAL A 94 9.93 -22.12 8.43
CA VAL A 94 8.50 -21.85 8.49
C VAL A 94 8.21 -20.55 9.26
N ALA A 99 -1.48 -16.49 4.68
CA ALA A 99 -1.27 -16.32 3.23
C ALA A 99 -1.47 -14.85 2.80
N ILE A 100 -2.69 -14.35 2.94
CA ILE A 100 -2.97 -12.93 2.72
C ILE A 100 -2.60 -12.15 3.97
N LYS A 101 -2.86 -12.78 5.13
CA LYS A 101 -2.49 -12.26 6.45
C LYS A 101 -0.97 -12.18 6.66
N THR A 102 -0.27 -13.31 6.52
CA THR A 102 1.19 -13.40 6.70
C THR A 102 1.97 -12.34 5.92
N VAL A 103 2.86 -11.62 6.59
CA VAL A 103 3.78 -10.72 5.88
C VAL A 103 4.74 -11.61 5.08
N PHE A 104 4.89 -11.34 3.78
CA PHE A 104 5.81 -12.11 2.97
C PHE A 104 7.25 -11.68 3.27
N PRO A 105 8.16 -12.64 3.44
CA PRO A 105 9.60 -12.34 3.49
C PRO A 105 10.11 -11.88 2.12
N LYS A 106 11.35 -11.39 2.06
CA LYS A 106 11.98 -11.15 0.77
C LYS A 106 12.20 -12.54 0.18
N PHE A 107 11.87 -12.69 -1.10
CA PHE A 107 12.03 -13.95 -1.78
C PHE A 107 12.32 -13.67 -3.25
N ASP A 108 12.92 -14.65 -3.91
CA ASP A 108 13.25 -14.56 -5.31
C ASP A 108 12.23 -15.27 -6.18
N VAL A 109 11.77 -16.41 -5.70
CA VAL A 109 10.86 -17.27 -6.48
C VAL A 109 9.73 -17.70 -5.58
N CYS A 110 8.50 -17.59 -6.08
CA CYS A 110 7.32 -18.04 -5.34
C CYS A 110 6.68 -19.25 -6.04
N THR A 111 6.27 -20.23 -5.25
CA THR A 111 5.38 -21.28 -5.79
C THR A 111 4.19 -21.42 -4.83
N ALA A 112 3.00 -21.64 -5.38
CA ALA A 112 1.79 -21.69 -4.55
C ALA A 112 0.74 -22.55 -5.19
N ASN A 113 -0.01 -23.26 -4.36
CA ASN A 113 -1.34 -23.74 -4.74
C ASN A 113 -2.38 -22.86 -4.03
N ILE A 114 -3.12 -22.07 -4.80
CA ILE A 114 -3.97 -21.03 -4.23
C ILE A 114 -5.46 -21.42 -4.11
N PRO A 115 -6.03 -21.37 -2.89
CA PRO A 115 -7.48 -21.55 -2.71
C PRO A 115 -8.22 -20.50 -3.54
N TYR A 116 -9.25 -20.95 -4.23
CA TYR A 116 -9.99 -20.08 -5.13
C TYR A 116 -10.49 -18.75 -4.51
N LYS A 117 -11.01 -18.81 -3.29
CA LYS A 117 -11.54 -17.62 -2.57
C LYS A 117 -10.51 -16.50 -2.32
N ILE A 118 -9.23 -16.85 -2.22
CA ILE A 118 -8.19 -15.83 -2.10
C ILE A 118 -7.35 -15.62 -3.37
N SER A 119 -7.86 -16.04 -4.53
CA SER A 119 -7.06 -15.91 -5.77
C SER A 119 -6.76 -14.47 -6.15
N SER A 120 -7.81 -13.65 -6.26
CA SER A 120 -7.62 -12.25 -6.58
C SER A 120 -6.77 -11.50 -5.52
N PRO A 121 -7.08 -11.70 -4.21
CA PRO A 121 -6.24 -11.12 -3.16
C PRO A 121 -4.75 -11.51 -3.29
N LEU A 122 -4.49 -12.76 -3.64
CA LEU A 122 -3.10 -13.20 -3.84
C LEU A 122 -2.40 -12.41 -4.97
N ILE A 123 -3.05 -12.32 -6.12
CA ILE A 123 -2.54 -11.55 -7.24
C ILE A 123 -2.22 -10.10 -6.85
N PHE A 124 -3.16 -9.42 -6.18
CA PHE A 124 -2.93 -8.03 -5.75
C PHE A 124 -1.77 -7.93 -4.75
N LYS A 125 -1.66 -8.91 -3.86
CA LYS A 125 -0.53 -8.96 -2.93
C LYS A 125 0.80 -9.08 -3.66
N LEU A 126 0.85 -9.99 -4.64
CA LEU A 126 2.08 -10.14 -5.42
C LEU A 126 2.46 -8.87 -6.21
N ILE A 127 1.50 -8.20 -6.86
CA ILE A 127 1.78 -6.92 -7.57
C ILE A 127 2.38 -5.84 -6.63
N SER A 128 1.89 -5.79 -5.40
CA SER A 128 2.28 -4.78 -4.48
C SER A 128 3.53 -5.16 -3.64
N HIS A 129 3.96 -6.44 -3.70
CA HIS A 129 5.13 -6.93 -2.97
C HIS A 129 6.46 -6.25 -3.35
N ARG A 130 7.26 -5.93 -2.34
CA ARG A 130 8.57 -5.30 -2.50
C ARG A 130 9.61 -6.04 -1.63
N PRO A 131 10.83 -6.23 -2.14
CA PRO A 131 11.35 -5.93 -3.48
C PRO A 131 10.81 -6.88 -4.55
N LEU A 132 11.00 -6.54 -5.82
CA LEU A 132 10.45 -7.34 -6.91
C LEU A 132 11.09 -8.71 -6.87
N PHE A 133 10.32 -9.71 -7.25
CA PHE A 133 10.76 -11.10 -7.23
C PHE A 133 11.04 -11.52 -8.68
N LYS A 134 11.71 -12.66 -8.86
CA LYS A 134 12.16 -13.06 -10.20
C LYS A 134 11.04 -13.76 -10.96
N CYS A 135 10.36 -14.67 -10.27
CA CYS A 135 9.25 -15.39 -10.88
C CYS A 135 8.35 -16.09 -9.90
N ALA A 136 7.14 -16.39 -10.32
CA ALA A 136 6.17 -17.09 -9.49
C ALA A 136 5.52 -18.17 -10.34
N VAL A 137 5.41 -19.39 -9.83
CA VAL A 137 4.74 -20.48 -10.52
C VAL A 137 3.51 -20.81 -9.64
N LEU A 138 2.32 -20.54 -10.18
CA LEU A 138 1.10 -20.50 -9.36
C LEU A 138 0.03 -21.43 -9.92
N MET A 139 -0.58 -22.24 -9.07
CA MET A 139 -1.70 -23.07 -9.51
C MET A 139 -3.04 -22.46 -9.06
N PHE A 140 -3.93 -22.26 -10.01
CA PHE A 140 -5.25 -21.68 -9.75
C PHE A 140 -6.35 -22.58 -10.32
N GLN A 141 -7.53 -22.51 -9.73
CA GLN A 141 -8.71 -23.11 -10.37
C GLN A 141 -8.81 -22.61 -11.82
N LYS A 142 -9.22 -23.49 -12.75
CA LYS A 142 -9.14 -23.23 -14.19
C LYS A 142 -9.75 -21.90 -14.65
N GLU A 143 -10.89 -21.58 -14.08
CA GLU A 143 -11.73 -20.45 -14.49
C GLU A 143 -10.95 -19.15 -14.21
N PHE A 144 -10.31 -19.09 -13.03
CA PHE A 144 -9.53 -17.92 -12.65
C PHE A 144 -8.30 -17.77 -13.54
N ALA A 145 -7.56 -18.85 -13.73
CA ALA A 145 -6.44 -18.84 -14.66
C ALA A 145 -6.82 -18.43 -16.08
N GLU A 146 -7.99 -18.85 -16.57
CA GLU A 146 -8.39 -18.48 -17.95
C GLU A 146 -8.53 -16.94 -18.07
N ARG A 147 -9.05 -16.32 -17.02
CA ARG A 147 -9.14 -14.84 -16.90
C ARG A 147 -7.77 -14.12 -16.92
N MET A 148 -6.80 -14.66 -16.19
CA MET A 148 -5.49 -14.04 -16.18
C MET A 148 -4.89 -14.19 -17.56
N LEU A 149 -5.23 -15.27 -18.26
CA LEU A 149 -4.66 -15.60 -19.56
C LEU A 149 -5.53 -15.07 -20.72
N ALA A 150 -6.61 -14.38 -20.39
CA ALA A 150 -7.55 -13.93 -21.44
C ALA A 150 -6.99 -13.12 -22.60
N ASN A 151 -7.55 -13.35 -23.79
CA ASN A 151 -7.17 -12.56 -24.97
C ASN A 151 -7.93 -11.24 -25.05
N VAL A 152 -7.27 -10.23 -25.58
CA VAL A 152 -7.87 -8.90 -25.73
C VAL A 152 -9.11 -9.01 -26.63
N GLY A 153 -10.22 -8.42 -26.21
CA GLY A 153 -11.42 -8.44 -27.03
C GLY A 153 -12.36 -9.63 -26.74
N ASP A 154 -11.87 -10.68 -26.07
CA ASP A 154 -12.75 -11.81 -25.59
C ASP A 154 -13.59 -11.36 -24.41
N SER A 155 -14.78 -11.93 -24.25
CA SER A 155 -15.69 -11.43 -23.21
C SER A 155 -15.21 -11.69 -21.79
N ASN A 156 -14.27 -12.61 -21.62
CA ASN A 156 -13.71 -12.87 -20.25
C ASN A 156 -12.45 -12.02 -19.97
N TYR A 157 -12.15 -11.10 -20.86
CA TYR A 157 -10.98 -10.18 -20.69
C TYR A 157 -11.42 -9.07 -19.74
N SER A 158 -10.63 -8.80 -18.69
CA SER A 158 -11.13 -7.96 -17.59
C SER A 158 -10.02 -7.07 -16.98
N ARG A 159 -10.40 -6.28 -16.00
CA ARG A 159 -9.44 -5.44 -15.25
C ARG A 159 -8.34 -6.32 -14.65
N LEU A 160 -8.70 -7.49 -14.13
CA LEU A 160 -7.69 -8.44 -13.63
C LEU A 160 -6.64 -8.74 -14.66
N THR A 161 -7.10 -9.10 -15.86
CA THR A 161 -6.22 -9.41 -16.96
C THR A 161 -5.24 -8.31 -17.28
N ILE A 162 -5.73 -7.09 -17.37
CA ILE A 162 -4.83 -6.00 -17.74
C ILE A 162 -3.84 -5.69 -16.60
N ASN A 163 -4.31 -5.73 -15.36
CA ASN A 163 -3.40 -5.61 -14.18
C ASN A 163 -2.24 -6.57 -14.22
N VAL A 164 -2.58 -7.83 -14.45
CA VAL A 164 -1.55 -8.88 -14.57
C VAL A 164 -0.56 -8.60 -15.70
N LYS A 165 -1.09 -8.21 -16.87
CA LYS A 165 -0.29 -7.99 -18.05
C LYS A 165 0.63 -6.77 -17.86
N LEU A 166 0.17 -5.79 -17.10
CA LEU A 166 0.99 -4.61 -16.88
C LEU A 166 2.20 -4.99 -16.06
N PHE A 167 1.98 -5.75 -15.00
CA PHE A 167 3.05 -6.03 -14.07
C PHE A 167 3.97 -7.22 -14.41
N CYS A 168 3.46 -8.15 -15.21
N CYS A 168 3.48 -8.16 -15.20
CA CYS A 168 4.19 -9.37 -15.53
CA CYS A 168 4.27 -9.34 -15.52
C CYS A 168 4.04 -9.83 -16.98
C CYS A 168 3.94 -9.98 -16.86
N LYS A 169 4.88 -10.77 -17.37
CA LYS A 169 4.61 -11.65 -18.50
C LYS A 169 4.00 -12.89 -17.84
N VAL A 170 2.81 -13.24 -18.32
CA VAL A 170 2.04 -14.37 -17.83
C VAL A 170 1.99 -15.46 -18.89
N THR A 171 2.41 -16.67 -18.53
CA THR A 171 2.31 -17.80 -19.44
C THR A 171 1.70 -19.02 -18.76
N LYS A 172 1.05 -19.88 -19.55
CA LYS A 172 0.50 -21.12 -19.06
C LYS A 172 1.61 -22.17 -19.01
N VAL A 173 1.73 -22.82 -17.86
CA VAL A 173 2.72 -23.87 -17.68
C VAL A 173 2.06 -25.20 -18.10
N CYS A 174 0.89 -25.50 -17.54
CA CYS A 174 0.15 -26.72 -17.87
C CYS A 174 -1.26 -26.76 -17.26
N ASN A 175 -2.04 -27.74 -17.72
CA ASN A 175 -3.31 -28.05 -17.11
C ASN A 175 -3.10 -29.05 -16.00
N VAL A 176 -3.95 -29.00 -15.00
CA VAL A 176 -3.91 -29.99 -13.94
C VAL A 176 -5.32 -30.53 -13.76
N ASN A 177 -5.57 -31.75 -14.25
CA ASN A 177 -6.86 -32.37 -14.11
C ASN A 177 -7.21 -32.67 -12.67
N ARG A 178 -8.50 -32.67 -12.35
CA ARG A 178 -8.95 -33.02 -11.00
C ARG A 178 -8.43 -34.40 -10.49
N SER A 179 -8.18 -35.35 -11.41
CA SER A 179 -7.70 -36.70 -10.98
C SER A 179 -6.29 -36.67 -10.37
N SER A 180 -5.60 -35.54 -10.61
CA SER A 180 -4.24 -35.31 -10.07
C SER A 180 -4.27 -34.93 -8.58
N PHE A 181 -5.45 -34.84 -7.99
CA PHE A 181 -5.59 -34.45 -6.56
C PHE A 181 -6.10 -35.61 -5.70
N ASN A 182 -5.59 -35.69 -4.47
CA ASN A 182 -6.03 -36.65 -3.47
C ASN A 182 -6.73 -35.92 -2.30
N PRO A 183 -8.06 -36.07 -2.18
CA PRO A 183 -8.96 -36.72 -3.12
C PRO A 183 -9.35 -35.75 -4.23
N PRO A 184 -9.87 -36.26 -5.37
CA PRO A 184 -10.23 -35.36 -6.47
C PRO A 184 -11.32 -34.37 -6.11
N PRO A 185 -11.14 -33.10 -6.50
CA PRO A 185 -12.17 -32.06 -6.41
C PRO A 185 -13.15 -32.14 -7.57
N LYS A 186 -14.14 -31.25 -7.56
CA LYS A 186 -15.13 -31.18 -8.63
C LYS A 186 -14.80 -30.00 -9.54
N VAL A 187 -13.51 -29.72 -9.68
CA VAL A 187 -12.94 -28.60 -10.45
C VAL A 187 -11.48 -28.88 -10.90
N ASP A 188 -11.14 -28.37 -12.06
CA ASP A 188 -9.80 -28.55 -12.63
C ASP A 188 -8.97 -27.30 -12.47
N SER A 189 -7.65 -27.45 -12.61
CA SER A 189 -6.72 -26.34 -12.31
C SER A 189 -5.75 -26.08 -13.45
N VAL A 190 -4.99 -25.00 -13.33
CA VAL A 190 -4.04 -24.59 -14.34
C VAL A 190 -2.87 -23.96 -13.57
N ILE A 191 -1.66 -24.25 -14.02
CA ILE A 191 -0.46 -23.63 -13.49
C ILE A 191 0.03 -22.58 -14.46
N VAL A 192 0.26 -21.39 -13.93
CA VAL A 192 0.73 -20.24 -14.73
C VAL A 192 2.05 -19.76 -14.14
N LYS A 193 2.84 -19.10 -14.98
CA LYS A 193 4.10 -18.48 -14.58
C LYS A 193 4.03 -17.00 -14.81
N LEU A 194 4.49 -16.25 -13.81
CA LEU A 194 4.54 -14.78 -13.85
C LEU A 194 6.00 -14.37 -13.73
N ILE A 195 6.46 -13.58 -14.70
CA ILE A 195 7.73 -12.89 -14.61
C ILE A 195 7.53 -11.36 -14.58
N PRO A 196 7.72 -10.73 -13.40
CA PRO A 196 7.55 -9.30 -13.17
C PRO A 196 8.39 -8.45 -14.12
N LYS A 197 7.78 -7.38 -14.64
CA LYS A 197 8.47 -6.43 -15.51
C LYS A 197 8.87 -5.23 -14.66
N GLU A 198 10.17 -5.02 -14.46
CA GLU A 198 10.63 -3.97 -13.53
C GLU A 198 10.02 -2.59 -13.74
N SER A 199 9.99 -2.14 -14.99
CA SER A 199 9.67 -0.72 -15.30
C SER A 199 8.19 -0.39 -15.11
N SER A 200 7.37 -1.42 -15.01
CA SER A 200 5.96 -1.23 -14.82
C SER A 200 5.67 -0.77 -13.40
N PHE A 201 6.58 -1.09 -12.49
CA PHE A 201 6.43 -0.64 -11.14
C PHE A 201 6.62 0.87 -10.89
N LEU A 202 6.95 1.61 -11.94
CA LEU A 202 6.89 3.06 -11.90
C LEU A 202 5.42 3.58 -11.88
N THR A 203 4.49 2.73 -12.31
CA THR A 203 3.06 3.10 -12.32
C THR A 203 2.47 3.26 -10.92
N ASN A 204 1.69 4.33 -10.71
CA ASN A 204 0.98 4.51 -9.47
C ASN A 204 -0.23 3.60 -9.48
N PHE A 205 -0.10 2.48 -8.76
CA PHE A 205 -1.13 1.43 -8.83
C PHE A 205 -2.52 1.85 -8.38
N ASP A 206 -2.60 2.72 -7.37
CA ASP A 206 -3.88 3.27 -6.92
C ASP A 206 -4.64 3.99 -8.05
N GLU A 207 -3.94 4.81 -8.81
CA GLU A 207 -4.60 5.56 -9.88
C GLU A 207 -4.89 4.67 -11.10
N TRP A 208 -3.95 3.79 -11.44
CA TRP A 208 -4.12 2.82 -12.54
C TRP A 208 -5.36 1.97 -12.30
N ASP A 209 -5.45 1.37 -11.12
CA ASP A 209 -6.56 0.49 -10.81
C ASP A 209 -7.90 1.26 -10.80
N ASN A 210 -7.88 2.51 -10.36
N ASN A 210 -7.85 2.52 -10.35
CA ASN A 210 -9.14 3.27 -10.33
CA ASN A 210 -9.06 3.36 -10.28
C ASN A 210 -9.60 3.68 -11.71
C ASN A 210 -9.58 3.72 -11.67
N LEU A 211 -8.65 4.04 -12.56
CA LEU A 211 -8.94 4.31 -13.99
C LEU A 211 -9.54 3.07 -14.65
N LEU A 212 -8.92 1.92 -14.40
CA LEU A 212 -9.48 0.66 -14.93
C LEU A 212 -10.86 0.33 -14.43
N ARG A 213 -11.14 0.60 -13.15
CA ARG A 213 -12.49 0.38 -12.60
C ARG A 213 -13.55 1.27 -13.28
N ILE A 214 -13.20 2.51 -13.58
CA ILE A 214 -14.10 3.37 -14.33
C ILE A 214 -14.41 2.80 -15.71
N CYS A 215 -13.35 2.46 -16.43
CA CYS A 215 -13.45 1.98 -17.80
C CYS A 215 -14.10 0.59 -17.90
N PHE A 216 -13.77 -0.31 -16.97
CA PHE A 216 -14.30 -1.67 -17.03
C PHE A 216 -15.67 -1.85 -16.43
N SER A 217 -16.23 -0.77 -15.87
N SER A 217 -16.20 -0.77 -15.85
CA SER A 217 -17.60 -0.81 -15.36
CA SER A 217 -17.57 -0.70 -15.38
C SER A 217 -18.62 -1.14 -16.45
C SER A 217 -18.53 -1.22 -16.46
N ARG A 218 -18.35 -0.69 -17.67
CA ARG A 218 -19.17 -1.06 -18.83
C ARG A 218 -18.15 -1.28 -19.93
N LYS A 219 -17.53 -2.47 -19.94
CA LYS A 219 -16.32 -2.69 -20.74
C LYS A 219 -16.53 -2.75 -22.27
N ARG A 220 -17.77 -2.99 -22.70
CA ARG A 220 -18.08 -2.90 -24.15
C ARG A 220 -18.69 -1.54 -24.61
N LYS A 221 -18.74 -0.55 -23.71
CA LYS A 221 -19.17 0.82 -24.10
C LYS A 221 -17.95 1.59 -24.56
N THR A 222 -18.12 2.56 -25.46
CA THR A 222 -16.97 3.36 -25.88
C THR A 222 -16.49 4.30 -24.73
N LEU A 223 -15.23 4.72 -24.79
CA LEU A 223 -14.66 5.58 -23.74
C LEU A 223 -15.39 6.93 -23.71
N HIS A 224 -15.79 7.44 -24.88
CA HIS A 224 -16.65 8.62 -24.88
C HIS A 224 -17.92 8.43 -24.05
N ALA A 225 -18.61 7.31 -24.20
CA ALA A 225 -19.83 7.01 -23.44
C ALA A 225 -19.58 6.87 -21.94
N ILE A 226 -18.42 6.31 -21.58
CA ILE A 226 -18.01 6.18 -20.16
C ILE A 226 -17.78 7.55 -19.54
N PHE A 227 -16.93 8.35 -20.17
CA PHE A 227 -16.47 9.62 -19.59
C PHE A 227 -17.48 10.76 -19.71
N LYS A 228 -18.46 10.64 -20.60
CA LYS A 228 -19.46 11.72 -20.71
C LYS A 228 -20.49 11.67 -19.60
N ARG A 229 -20.53 10.57 -18.86
CA ARG A 229 -21.54 10.44 -17.81
C ARG A 229 -21.31 11.52 -16.74
N ASN A 230 -22.40 12.15 -16.30
CA ASN A 230 -22.32 13.29 -15.41
C ASN A 230 -21.67 12.92 -14.09
N ALA A 231 -21.97 11.73 -13.58
CA ALA A 231 -21.39 11.28 -12.31
C ALA A 231 -19.86 11.11 -12.38
N VAL A 232 -19.36 10.67 -13.53
CA VAL A 232 -17.91 10.48 -13.75
C VAL A 232 -17.28 11.85 -13.86
N LEU A 233 -17.86 12.72 -14.70
CA LEU A 233 -17.35 14.10 -14.82
C LEU A 233 -17.32 14.87 -13.48
N ASN A 234 -18.35 14.67 -12.64
CA ASN A 234 -18.42 15.38 -11.36
C ASN A 234 -17.31 14.89 -10.45
N MET A 235 -17.16 13.57 -10.38
CA MET A 235 -16.07 13.00 -9.58
C MET A 235 -14.72 13.51 -10.06
N LEU A 236 -14.47 13.50 -11.37
CA LEU A 236 -13.16 13.89 -11.89
C LEU A 236 -12.91 15.40 -11.70
N GLU A 237 -13.95 16.22 -11.88
CA GLU A 237 -13.79 17.66 -11.70
C GLU A 237 -13.46 18.03 -10.24
N HIS A 238 -14.12 17.36 -9.30
CA HIS A 238 -13.80 17.51 -7.87
C HIS A 238 -12.31 17.24 -7.58
N ASN A 239 -11.82 16.13 -8.09
CA ASN A 239 -10.41 15.75 -7.95
C ASN A 239 -9.49 16.76 -8.64
N TYR A 240 -9.88 17.23 -9.82
CA TYR A 240 -9.14 18.27 -10.51
C TYR A 240 -9.05 19.58 -9.72
N LYS A 241 -10.15 20.03 -9.16
CA LYS A 241 -10.09 21.26 -8.35
C LYS A 241 -9.23 21.07 -7.08
N ASN A 242 -9.35 19.92 -6.44
CA ASN A 242 -8.53 19.56 -5.28
C ASN A 242 -7.02 19.58 -5.59
N TRP A 243 -6.64 18.96 -6.72
CA TRP A 243 -5.25 18.97 -7.21
C TRP A 243 -4.76 20.38 -7.41
N CYS A 244 -5.60 21.18 -8.07
CA CYS A 244 -5.29 22.59 -8.29
C CYS A 244 -5.06 23.38 -6.98
N THR A 245 -5.87 23.14 -5.94
CA THR A 245 -5.59 23.83 -4.64
C THR A 245 -4.30 23.34 -4.07
N LEU A 246 -4.21 22.01 -3.92
CA LEU A 246 -3.04 21.37 -3.32
C LEU A 246 -1.75 21.91 -3.92
N ASN A 247 -1.74 22.04 -5.23
CA ASN A 247 -0.54 22.47 -5.90
C ASN A 247 -0.49 23.97 -6.16
N LYS A 248 -1.39 24.70 -5.49
CA LYS A 248 -1.55 26.15 -5.65
C LYS A 248 -1.47 26.54 -7.12
N GLN A 249 -2.33 25.89 -7.91
CA GLN A 249 -2.47 26.16 -9.33
C GLN A 249 -3.85 26.73 -9.59
N VAL A 250 -4.00 27.38 -10.74
CA VAL A 250 -5.29 27.96 -11.12
C VAL A 250 -5.97 27.04 -12.14
N PRO A 251 -7.19 26.59 -11.82
CA PRO A 251 -7.92 25.71 -12.74
C PRO A 251 -8.03 26.32 -14.13
N VAL A 252 -8.05 25.48 -15.16
CA VAL A 252 -8.16 25.96 -16.54
C VAL A 252 -9.51 26.71 -16.66
N ASN A 253 -9.53 27.86 -17.32
CA ASN A 253 -10.83 28.49 -17.60
C ASN A 253 -11.42 27.94 -18.87
N PHE A 254 -12.05 26.78 -18.72
CA PHE A 254 -12.52 26.03 -19.87
C PHE A 254 -13.49 24.99 -19.34
N PRO A 255 -14.53 24.63 -20.13
CA PRO A 255 -15.48 23.64 -19.57
C PRO A 255 -14.80 22.30 -19.30
N PHE A 256 -14.99 21.77 -18.11
CA PHE A 256 -14.26 20.54 -17.70
C PHE A 256 -14.62 19.39 -18.57
N LYS A 257 -15.90 19.25 -18.90
CA LYS A 257 -16.30 18.15 -19.81
C LYS A 257 -15.46 18.12 -21.09
N LYS A 258 -15.28 19.27 -21.75
CA LYS A 258 -14.44 19.36 -22.95
C LYS A 258 -12.93 19.12 -22.68
N TYR A 259 -12.46 19.72 -21.59
CA TYR A 259 -11.10 19.49 -21.06
C TYR A 259 -10.78 17.99 -20.92
N CYS A 260 -11.66 17.27 -20.25
CA CYS A 260 -11.50 15.84 -20.00
C CYS A 260 -11.68 15.01 -21.32
N LEU A 261 -12.75 15.25 -22.08
CA LEU A 261 -12.99 14.49 -23.33
C LEU A 261 -11.95 14.74 -24.40
N ASP A 262 -11.35 15.94 -24.38
CA ASP A 262 -10.24 16.26 -25.28
C ASP A 262 -9.03 15.28 -25.14
N VAL A 263 -8.87 14.66 -23.99
CA VAL A 263 -7.81 13.68 -23.81
C VAL A 263 -8.06 12.48 -24.74
N LEU A 264 -9.30 12.01 -24.75
CA LEU A 264 -9.73 10.88 -25.61
C LEU A 264 -9.54 11.25 -27.08
N GLU A 265 -9.99 12.45 -27.43
CA GLU A 265 -9.87 13.00 -28.76
C GLU A 265 -8.41 13.04 -29.22
N HIS A 266 -7.53 13.56 -28.35
CA HIS A 266 -6.11 13.65 -28.65
C HIS A 266 -5.51 12.29 -28.94
N LEU A 267 -5.92 11.29 -28.18
CA LEU A 267 -5.36 9.96 -28.30
C LEU A 267 -6.13 9.10 -29.30
N ASP A 268 -7.15 9.68 -29.95
CA ASP A 268 -7.98 8.93 -30.92
C ASP A 268 -8.66 7.74 -30.27
N MET A 269 -9.17 7.93 -29.06
CA MET A 269 -9.70 6.82 -28.30
C MET A 269 -11.20 6.98 -27.99
N CYS A 270 -11.83 8.03 -28.53
CA CYS A 270 -13.26 8.31 -28.22
C CYS A 270 -14.17 7.13 -28.50
N GLU A 271 -13.89 6.44 -29.61
CA GLU A 271 -14.75 5.36 -30.11
C GLU A 271 -14.23 3.96 -29.79
N LYS A 272 -13.13 3.86 -29.01
CA LYS A 272 -12.61 2.57 -28.56
C LYS A 272 -13.33 2.08 -27.30
N ARG A 273 -13.42 0.75 -27.15
CA ARG A 273 -14.09 0.12 -26.00
C ARG A 273 -13.04 -0.56 -25.16
N SER A 274 -13.19 -0.52 -23.84
CA SER A 274 -12.10 -0.95 -22.96
C SER A 274 -11.72 -2.39 -23.17
N ILE A 275 -12.72 -3.24 -23.43
CA ILE A 275 -12.47 -4.63 -23.73
C ILE A 275 -11.51 -4.88 -24.88
N ASN A 276 -11.36 -3.91 -25.81
CA ASN A 276 -10.44 -4.08 -26.97
C ASN A 276 -9.11 -3.37 -26.77
N LEU A 277 -8.91 -2.81 -25.58
CA LEU A 277 -7.65 -2.09 -25.32
C LEU A 277 -6.68 -2.90 -24.44
N ASP A 278 -5.39 -2.60 -24.58
CA ASP A 278 -4.42 -3.31 -23.77
C ASP A 278 -3.69 -2.35 -22.83
N GLU A 279 -2.70 -2.87 -22.12
CA GLU A 279 -2.05 -2.08 -21.06
C GLU A 279 -1.36 -0.85 -21.63
N ASN A 280 -0.84 -0.95 -22.85
CA ASN A 280 -0.24 0.21 -23.50
C ASN A 280 -1.22 1.34 -23.77
N ASP A 281 -2.45 0.98 -24.09
CA ASP A 281 -3.47 2.00 -24.30
C ASP A 281 -3.78 2.68 -23.00
N PHE A 282 -3.93 1.89 -21.94
CA PHE A 282 -4.31 2.48 -20.67
C PHE A 282 -3.18 3.29 -20.03
N LEU A 283 -1.94 2.89 -20.28
CA LEU A 283 -0.77 3.69 -19.80
C LEU A 283 -0.75 5.07 -20.45
N LYS A 284 -1.07 5.13 -21.76
CA LYS A 284 -1.18 6.41 -22.48
C LYS A 284 -2.30 7.28 -21.94
N LEU A 285 -3.46 6.67 -21.71
CA LEU A 285 -4.60 7.38 -21.14
C LEU A 285 -4.29 7.95 -19.75
N LEU A 286 -3.68 7.14 -18.90
CA LEU A 286 -3.36 7.61 -17.52
C LEU A 286 -2.37 8.80 -17.64
N LEU A 287 -1.37 8.65 -18.48
CA LEU A 287 -0.32 9.67 -18.66
C LEU A 287 -0.90 11.01 -19.13
N GLU A 288 -1.76 10.95 -20.16
CA GLU A 288 -2.46 12.17 -20.65
C GLU A 288 -3.47 12.82 -19.70
N PHE A 289 -4.30 12.03 -19.00
CA PHE A 289 -5.10 12.58 -17.90
C PHE A 289 -4.20 13.25 -16.85
N ASN A 290 -3.18 12.54 -16.37
CA ASN A 290 -2.35 13.12 -15.28
C ASN A 290 -1.63 14.42 -15.73
N LYS A 291 -1.20 14.47 -16.98
CA LYS A 291 -0.56 15.67 -17.57
C LYS A 291 -1.47 16.89 -17.47
N LYS A 292 -2.78 16.65 -17.53
CA LYS A 292 -3.78 17.73 -17.34
C LYS A 292 -4.16 18.02 -15.92
N GLY A 293 -3.53 17.31 -14.98
CA GLY A 293 -3.91 17.43 -13.57
C GLY A 293 -5.16 16.65 -13.17
N ILE A 294 -5.59 15.71 -14.01
CA ILE A 294 -6.73 14.86 -13.69
C ILE A 294 -6.18 13.53 -13.14
N HIS A 295 -6.48 13.30 -11.86
CA HIS A 295 -6.04 12.16 -11.10
C HIS A 295 -7.22 11.28 -10.67
N PHE A 296 -6.96 9.99 -10.55
CA PHE A 296 -7.98 8.98 -10.19
C PHE A 296 -7.89 8.54 -8.70
N PHE A 297 -8.85 9.00 -7.90
CA PHE A 297 -8.89 8.76 -6.44
C PHE A 297 -10.33 8.71 -5.94
N HIS B 23 2.80 2.37 30.51
CA HIS B 23 1.85 1.24 30.71
C HIS B 23 0.40 1.71 30.67
N LEU B 24 -0.35 1.33 31.72
CA LEU B 24 -1.78 1.61 31.90
C LEU B 24 -1.99 3.09 32.26
N LEU B 25 -2.76 3.82 31.46
CA LEU B 25 -3.10 5.20 31.82
C LEU B 25 -4.13 5.19 32.95
N LYS B 26 -3.86 5.93 34.02
CA LYS B 26 -4.79 6.04 35.12
C LYS B 26 -4.78 7.49 35.51
N ASN B 27 -5.71 8.24 34.93
CA ASN B 27 -5.86 9.66 35.24
C ASN B 27 -7.14 10.13 34.58
N PRO B 28 -8.24 10.19 35.36
CA PRO B 28 -9.57 10.58 34.89
C PRO B 28 -9.55 11.90 34.13
N GLY B 29 -8.83 12.90 34.64
CA GLY B 29 -8.68 14.17 33.95
C GLY B 29 -8.16 14.11 32.52
N ILE B 30 -7.21 13.23 32.25
CA ILE B 30 -6.69 13.07 30.89
C ILE B 30 -7.71 12.41 29.94
N LEU B 31 -8.48 11.47 30.47
CA LEU B 31 -9.54 10.83 29.68
C LEU B 31 -10.52 11.88 29.22
N ASP B 32 -10.84 12.80 30.12
CA ASP B 32 -11.73 13.90 29.80
C ASP B 32 -11.18 14.76 28.68
N LYS B 33 -9.86 15.02 28.68
CA LYS B 33 -9.22 15.80 27.58
C LYS B 33 -9.25 15.06 26.23
N ILE B 34 -9.09 13.74 26.30
CA ILE B 34 -9.17 12.88 25.07
C ILE B 34 -10.56 13.01 24.46
N ILE B 35 -11.58 12.86 25.31
CA ILE B 35 -12.95 12.89 24.84
C ILE B 35 -13.24 14.27 24.26
N TYR B 36 -12.83 15.33 24.96
CA TYR B 36 -13.01 16.70 24.44
C TYR B 36 -12.41 16.91 23.02
N ALA B 37 -11.18 16.45 22.82
CA ALA B 37 -10.50 16.57 21.51
C ALA B 37 -11.14 15.72 20.39
N ALA B 38 -11.66 14.57 20.74
CA ALA B 38 -12.14 13.60 19.74
C ALA B 38 -13.44 14.08 19.06
N LYS B 39 -14.22 14.86 19.79
CA LYS B 39 -15.51 15.39 19.31
C LYS B 39 -16.38 14.32 18.63
N ILE B 40 -16.60 13.23 19.35
CA ILE B 40 -17.26 12.07 18.79
C ILE B 40 -18.76 12.32 18.63
N LYS B 41 -19.31 11.92 17.50
CA LYS B 41 -20.77 11.95 17.27
C LYS B 41 -21.40 10.58 17.30
N SER B 42 -22.71 10.51 17.56
CA SER B 42 -23.37 9.21 17.67
C SER B 42 -23.43 8.43 16.38
N SER B 43 -23.08 9.06 15.26
CA SER B 43 -22.99 8.33 14.00
C SER B 43 -21.59 7.75 13.74
N ASP B 44 -20.60 8.08 14.60
CA ASP B 44 -19.18 7.71 14.36
C ASP B 44 -18.82 6.31 14.86
N ILE B 45 -18.03 5.58 14.09
CA ILE B 45 -17.41 4.37 14.56
C ILE B 45 -16.05 4.78 15.14
N VAL B 46 -15.78 4.34 16.37
CA VAL B 46 -14.54 4.67 17.07
C VAL B 46 -13.64 3.43 17.12
N LEU B 47 -12.39 3.57 16.65
CA LEU B 47 -11.35 2.55 16.89
C LEU B 47 -10.49 2.95 18.10
N GLU B 48 -10.44 2.09 19.12
CA GLU B 48 -9.68 2.36 20.34
C GLU B 48 -8.52 1.39 20.39
N ILE B 49 -7.29 1.90 20.28
CA ILE B 49 -6.09 1.06 20.29
C ILE B 49 -5.49 1.10 21.70
N GLY B 50 -5.54 -0.06 22.35
CA GLY B 50 -5.05 -0.24 23.74
C GLY B 50 -6.11 0.08 24.79
N CYS B 51 -6.92 -0.90 25.13
CA CYS B 51 -8.06 -0.71 26.07
C CYS B 51 -7.76 -0.60 27.58
N GLY B 52 -6.58 -1.02 28.03
CA GLY B 52 -6.28 -0.95 29.46
C GLY B 52 -7.34 -1.71 30.25
N THR B 53 -7.93 -1.06 31.25
CA THR B 53 -8.96 -1.70 32.07
C THR B 53 -10.39 -1.31 31.61
N GLY B 54 -10.47 -0.59 30.49
CA GLY B 54 -11.74 -0.18 29.89
C GLY B 54 -12.21 1.19 30.34
N ASN B 55 -11.37 1.92 31.09
CA ASN B 55 -11.76 3.24 31.59
C ASN B 55 -12.12 4.27 30.52
N LEU B 56 -11.39 4.27 29.41
CA LEU B 56 -11.77 5.12 28.29
C LEU B 56 -12.89 4.48 27.49
N THR B 57 -12.84 3.16 27.31
CA THR B 57 -13.84 2.44 26.51
C THR B 57 -15.23 2.80 26.99
N VAL B 58 -15.44 2.83 28.31
CA VAL B 58 -16.79 3.11 28.86
C VAL B 58 -17.26 4.52 28.69
N LYS B 59 -16.32 5.46 28.46
CA LYS B 59 -16.66 6.83 28.12
C LYS B 59 -16.92 7.01 26.63
N LEU B 60 -16.32 6.14 25.82
CA LEU B 60 -16.48 6.19 24.35
C LEU B 60 -17.82 5.59 23.90
N LEU B 61 -18.25 4.51 24.54
CA LEU B 61 -19.44 3.77 24.12
C LEU B 61 -20.76 4.59 24.09
N PRO B 62 -21.05 5.40 25.12
CA PRO B 62 -22.28 6.24 25.02
C PRO B 62 -22.22 7.40 24.01
N LEU B 63 -21.02 7.72 23.52
CA LEU B 63 -20.85 8.79 22.56
C LEU B 63 -20.89 8.29 21.13
N ALA B 64 -20.23 7.16 20.88
CA ALA B 64 -20.00 6.67 19.51
C ALA B 64 -21.12 5.77 19.07
N LYS B 65 -21.29 5.64 17.74
CA LYS B 65 -22.20 4.62 17.21
C LYS B 65 -21.84 3.23 17.77
N LYS B 66 -20.56 2.87 17.64
CA LYS B 66 -20.03 1.67 18.21
C LYS B 66 -18.52 1.83 18.35
N VAL B 67 -17.94 1.04 19.25
CA VAL B 67 -16.48 1.10 19.51
C VAL B 67 -15.87 -0.24 19.15
N ILE B 68 -14.72 -0.20 18.46
CA ILE B 68 -13.91 -1.38 18.15
C ILE B 68 -12.57 -1.17 18.89
N THR B 69 -12.25 -2.08 19.80
CA THR B 69 -11.08 -1.94 20.68
C THR B 69 -10.11 -3.08 20.38
N ILE B 70 -8.81 -2.75 20.33
CA ILE B 70 -7.77 -3.75 20.02
C ILE B 70 -6.76 -3.72 21.19
N ASP B 71 -6.39 -4.88 21.72
CA ASP B 71 -5.42 -4.91 22.84
C ASP B 71 -4.66 -6.22 22.79
N ILE B 72 -3.45 -6.22 23.34
CA ILE B 72 -2.63 -7.46 23.38
C ILE B 72 -2.98 -8.38 24.55
N ASP B 73 -3.65 -7.84 25.57
CA ASP B 73 -3.85 -8.52 26.84
C ASP B 73 -5.18 -9.30 26.82
N SER B 74 -5.10 -10.56 26.41
CA SER B 74 -6.30 -11.41 26.24
C SER B 74 -7.17 -11.52 27.50
N ARG B 75 -6.53 -11.64 28.67
CA ARG B 75 -7.29 -11.76 29.90
C ARG B 75 -7.93 -10.43 30.30
N MET B 76 -7.23 -9.34 30.03
CA MET B 76 -7.76 -8.01 30.23
C MET B 76 -8.95 -7.69 29.31
N ILE B 77 -8.84 -8.12 28.05
CA ILE B 77 -9.93 -8.02 27.04
C ILE B 77 -11.24 -8.68 27.49
N SER B 78 -11.12 -9.91 28.01
CA SER B 78 -12.31 -10.64 28.43
C SER B 78 -12.99 -9.89 29.55
N GLU B 79 -12.20 -9.28 30.43
CA GLU B 79 -12.72 -8.44 31.51
C GLU B 79 -13.40 -7.12 31.07
N VAL B 80 -12.80 -6.41 30.12
CA VAL B 80 -13.39 -5.17 29.58
C VAL B 80 -14.72 -5.49 28.88
N LYS B 81 -14.74 -6.59 28.13
CA LYS B 81 -15.96 -6.98 27.42
C LYS B 81 -17.08 -7.18 28.43
N LYS B 82 -16.78 -7.90 29.52
CA LYS B 82 -17.73 -8.09 30.64
C LYS B 82 -18.20 -6.82 31.33
N ARG B 83 -17.25 -5.92 31.61
CA ARG B 83 -17.55 -4.65 32.28
C ARG B 83 -18.54 -3.82 31.47
N CYS B 84 -18.30 -3.75 30.16
CA CYS B 84 -19.09 -2.84 29.30
C CYS B 84 -20.49 -3.43 29.18
N LEU B 85 -20.57 -4.75 28.98
CA LEU B 85 -21.88 -5.47 29.00
C LEU B 85 -22.65 -5.21 30.30
N TYR B 86 -22.00 -5.39 31.44
CA TYR B 86 -22.54 -5.01 32.77
C TYR B 86 -23.03 -3.58 32.90
N GLU B 87 -22.30 -2.63 32.33
CA GLU B 87 -22.69 -1.22 32.42
C GLU B 87 -23.84 -0.88 31.44
N GLY B 88 -24.25 -1.86 30.65
CA GLY B 88 -25.40 -1.65 29.72
C GLY B 88 -25.04 -1.36 28.27
N TYR B 89 -23.77 -1.55 27.92
CA TYR B 89 -23.32 -1.32 26.54
C TYR B 89 -23.25 -2.57 25.66
N ASN B 90 -24.02 -2.58 24.59
CA ASN B 90 -23.98 -3.69 23.64
C ASN B 90 -23.18 -3.39 22.37
N ASN B 91 -22.68 -2.15 22.27
CA ASN B 91 -22.12 -1.64 21.02
C ASN B 91 -20.57 -1.65 21.05
N LEU B 92 -19.98 -2.63 21.74
CA LEU B 92 -18.53 -2.82 21.75
C LEU B 92 -18.13 -4.09 21.00
N GLU B 93 -17.06 -4.00 20.22
CA GLU B 93 -16.43 -5.19 19.69
C GLU B 93 -14.94 -5.14 20.10
N VAL B 94 -14.43 -6.25 20.66
CA VAL B 94 -13.03 -6.32 21.15
C VAL B 94 -12.21 -7.40 20.45
N TYR B 95 -10.98 -7.06 20.06
CA TYR B 95 -10.06 -7.96 19.32
C TYR B 95 -8.68 -8.00 19.96
N GLU B 96 -8.15 -9.21 20.07
CA GLU B 96 -6.78 -9.41 20.48
C GLU B 96 -5.88 -9.06 19.31
N GLY B 97 -4.86 -8.24 19.55
CA GLY B 97 -3.91 -7.91 18.50
C GLY B 97 -3.09 -6.70 18.83
N ASP B 98 -2.04 -6.48 18.03
CA ASP B 98 -1.27 -5.25 18.13
C ASP B 98 -1.73 -4.29 17.06
N ALA B 99 -1.41 -3.00 17.22
CA ALA B 99 -1.90 -2.01 16.30
C ALA B 99 -1.43 -2.26 14.86
N ILE B 100 -0.24 -2.82 14.68
CA ILE B 100 0.31 -2.96 13.34
C ILE B 100 -0.22 -4.18 12.56
N LYS B 101 -0.23 -5.34 13.21
CA LYS B 101 -0.61 -6.57 12.50
C LYS B 101 -2.11 -6.73 12.31
N THR B 102 -2.91 -6.11 13.18
CA THR B 102 -4.36 -6.22 13.12
C THR B 102 -4.90 -5.31 12.00
N VAL B 103 -5.70 -5.87 11.12
CA VAL B 103 -6.34 -5.08 10.08
C VAL B 103 -7.30 -4.08 10.73
N PHE B 104 -7.18 -2.81 10.36
CA PHE B 104 -8.07 -1.79 10.90
C PHE B 104 -9.39 -1.89 10.14
N PRO B 105 -10.50 -1.76 10.87
CA PRO B 105 -11.82 -1.72 10.26
C PRO B 105 -12.04 -0.29 9.72
N LYS B 106 -13.12 -0.06 8.97
CA LYS B 106 -13.47 1.33 8.67
C LYS B 106 -13.83 1.95 10.01
N PHE B 107 -13.33 3.17 10.24
CA PHE B 107 -13.59 3.95 11.44
C PHE B 107 -13.60 5.42 11.08
N ASP B 108 -14.23 6.20 11.94
CA ASP B 108 -14.35 7.63 11.79
C ASP B 108 -13.36 8.33 12.74
N VAL B 109 -13.28 7.87 13.98
CA VAL B 109 -12.38 8.52 14.97
C VAL B 109 -11.51 7.42 15.54
N CYS B 110 -10.17 7.64 15.63
CA CYS B 110 -9.25 6.73 16.33
C CYS B 110 -8.70 7.35 17.63
N THR B 111 -8.62 6.54 18.69
N THR B 111 -8.66 6.56 18.69
CA THR B 111 -7.88 6.92 19.91
CA THR B 111 -7.87 6.89 19.87
C THR B 111 -6.86 5.82 20.26
C THR B 111 -6.76 5.83 19.98
N ALA B 112 -5.60 6.22 20.51
CA ALA B 112 -4.52 5.24 20.73
C ALA B 112 -3.56 5.60 21.85
N ASN B 113 -3.18 4.57 22.62
CA ASN B 113 -2.00 4.52 23.52
C ASN B 113 -0.95 3.66 22.82
N ILE B 114 0.14 4.29 22.40
CA ILE B 114 1.10 3.67 21.49
C ILE B 114 2.37 3.29 22.25
N PRO B 115 2.84 2.03 22.12
CA PRO B 115 4.19 1.73 22.61
C PRO B 115 5.21 2.34 21.68
N TYR B 116 6.27 2.89 22.26
CA TYR B 116 7.27 3.66 21.52
C TYR B 116 7.79 2.95 20.28
N LYS B 117 7.93 1.62 20.36
CA LYS B 117 8.48 0.81 19.27
C LYS B 117 7.71 1.03 17.98
N ILE B 118 6.38 1.03 18.06
CA ILE B 118 5.53 0.98 16.87
C ILE B 118 4.97 2.35 16.46
N SER B 119 5.51 3.43 17.02
CA SER B 119 4.99 4.78 16.72
C SER B 119 5.06 5.19 15.26
N SER B 120 6.25 5.04 14.67
CA SER B 120 6.46 5.35 13.28
C SER B 120 5.58 4.52 12.34
N PRO B 121 5.60 3.18 12.49
CA PRO B 121 4.76 2.26 11.74
C PRO B 121 3.27 2.60 11.88
N LEU B 122 2.85 3.09 13.04
CA LEU B 122 1.46 3.46 13.24
C LEU B 122 1.09 4.72 12.46
N ILE B 123 1.97 5.72 12.46
CA ILE B 123 1.73 6.89 11.62
C ILE B 123 1.66 6.53 10.13
N PHE B 124 2.56 5.66 9.66
CA PHE B 124 2.52 5.20 8.26
C PHE B 124 1.18 4.53 7.95
N LYS B 125 0.71 3.74 8.91
CA LYS B 125 -0.48 2.93 8.72
C LYS B 125 -1.71 3.84 8.64
N LEU B 126 -1.74 4.85 9.49
CA LEU B 126 -2.82 5.86 9.51
C LEU B 126 -2.82 6.68 8.24
N ILE B 127 -1.64 7.09 7.77
CA ILE B 127 -1.58 7.75 6.43
C ILE B 127 -2.10 6.90 5.27
N SER B 128 -1.77 5.60 5.29
CA SER B 128 -2.20 4.69 4.25
C SER B 128 -3.64 4.21 4.37
N HIS B 129 -4.28 4.44 5.51
CA HIS B 129 -5.59 3.86 5.78
C HIS B 129 -6.66 4.44 4.87
N ARG B 130 -7.53 3.56 4.36
CA ARG B 130 -8.70 3.97 3.60
C ARG B 130 -9.96 3.25 4.14
N PRO B 131 -11.13 3.93 4.15
CA PRO B 131 -11.32 5.30 3.68
C PRO B 131 -10.82 6.30 4.71
N LEU B 132 -10.76 7.58 4.32
CA LEU B 132 -10.21 8.62 5.19
C LEU B 132 -11.02 8.78 6.46
N PHE B 133 -10.34 9.01 7.58
CA PHE B 133 -11.00 9.13 8.87
C PHE B 133 -11.11 10.60 9.21
N LYS B 134 -11.92 10.93 10.22
CA LYS B 134 -12.20 12.33 10.52
C LYS B 134 -11.14 12.86 11.43
N CYS B 135 -10.79 12.05 12.43
CA CYS B 135 -9.78 12.49 13.39
C CYS B 135 -9.14 11.36 14.20
N ALA B 136 -7.94 11.60 14.71
CA ALA B 136 -7.24 10.64 15.56
C ALA B 136 -6.63 11.41 16.71
N VAL B 137 -6.81 10.91 17.92
CA VAL B 137 -6.26 11.46 19.17
C VAL B 137 -5.29 10.39 19.72
N LEU B 138 -3.98 10.68 19.66
CA LEU B 138 -2.94 9.67 19.81
C LEU B 138 -1.99 10.12 20.89
N MET B 139 -1.66 9.22 21.80
CA MET B 139 -0.68 9.46 22.85
C MET B 139 0.66 8.87 22.46
N PHE B 140 1.69 9.71 22.40
CA PHE B 140 3.03 9.28 22.08
C PHE B 140 4.05 9.68 23.16
N GLN B 141 5.18 8.98 23.20
CA GLN B 141 6.32 9.46 23.99
C GLN B 141 6.67 10.90 23.61
N LYS B 142 7.01 11.73 24.61
CA LYS B 142 7.30 13.15 24.40
C LYS B 142 8.17 13.49 23.16
N GLU B 143 9.29 12.81 23.03
CA GLU B 143 10.29 13.15 21.99
C GLU B 143 9.72 12.88 20.57
N PHE B 144 8.97 11.78 20.43
CA PHE B 144 8.30 11.45 19.18
C PHE B 144 7.21 12.46 18.87
N ALA B 145 6.36 12.77 19.85
CA ALA B 145 5.34 13.79 19.64
C ALA B 145 5.96 15.17 19.28
N GLU B 146 7.07 15.52 19.93
CA GLU B 146 7.77 16.78 19.60
C GLU B 146 8.27 16.82 18.15
N ARG B 147 8.75 15.68 17.64
CA ARG B 147 9.13 15.57 16.19
C ARG B 147 7.93 15.84 15.27
N MET B 148 6.78 15.22 15.57
CA MET B 148 5.57 15.45 14.79
C MET B 148 5.18 16.92 14.81
N LEU B 149 5.37 17.55 15.97
CA LEU B 149 4.98 18.92 16.21
C LEU B 149 6.12 19.90 15.91
N ALA B 150 7.26 19.36 15.45
CA ALA B 150 8.45 20.20 15.16
C ALA B 150 8.27 21.42 14.25
N ASN B 151 9.05 22.45 14.54
CA ASN B 151 9.06 23.69 13.79
C ASN B 151 10.06 23.62 12.65
N VAL B 152 9.69 24.17 11.49
CA VAL B 152 10.58 24.25 10.36
C VAL B 152 11.89 24.89 10.83
N GLY B 153 13.03 24.28 10.51
CA GLY B 153 14.34 24.88 10.81
C GLY B 153 14.94 24.40 12.12
N ASP B 154 14.13 23.81 13.01
CA ASP B 154 14.64 23.22 14.27
C ASP B 154 15.37 21.91 13.95
N SER B 155 16.37 21.54 14.74
CA SER B 155 17.11 20.30 14.45
C SER B 155 16.33 19.00 14.56
N ASN B 156 15.17 19.01 15.22
CA ASN B 156 14.35 17.76 15.32
C ASN B 156 13.23 17.69 14.23
N TYR B 157 13.26 18.66 13.31
CA TYR B 157 12.34 18.74 12.17
C TYR B 157 12.85 17.74 11.14
N SER B 158 11.98 16.83 10.72
CA SER B 158 12.39 15.68 9.94
C SER B 158 11.38 15.27 8.83
N ARG B 159 11.74 14.21 8.12
CA ARG B 159 10.82 13.60 7.14
C ARG B 159 9.48 13.27 7.78
N LEU B 160 9.52 12.73 9.00
CA LEU B 160 8.29 12.40 9.75
C LEU B 160 7.38 13.59 9.91
N THR B 161 7.96 14.72 10.32
CA THR B 161 7.26 15.97 10.42
C THR B 161 6.54 16.36 9.12
N ILE B 162 7.25 16.30 8.00
CA ILE B 162 6.68 16.79 6.74
C ILE B 162 5.58 15.83 6.24
N ASN B 163 5.77 14.55 6.45
CA ASN B 163 4.71 13.54 6.13
C ASN B 163 3.43 13.82 6.88
N VAL B 164 3.57 14.05 8.18
CA VAL B 164 2.41 14.32 9.03
C VAL B 164 1.69 15.61 8.58
N LYS B 165 2.46 16.67 8.34
CA LYS B 165 1.95 17.97 7.97
C LYS B 165 1.27 17.99 6.60
N LEU B 166 1.79 17.22 5.64
CA LEU B 166 1.15 17.10 4.33
C LEU B 166 -0.25 16.53 4.52
N PHE B 167 -0.30 15.42 5.24
CA PHE B 167 -1.53 14.65 5.26
C PHE B 167 -2.54 15.07 6.30
N CYS B 168 -2.09 15.75 7.35
CA CYS B 168 -2.98 16.16 8.44
C CYS B 168 -2.74 17.57 8.96
N LYS B 169 -3.78 18.18 9.54
CA LYS B 169 -3.53 19.23 10.52
C LYS B 169 -3.18 18.55 11.83
N VAL B 170 -2.03 18.92 12.43
N VAL B 170 -1.99 18.83 12.38
CA VAL B 170 -1.50 18.29 13.65
CA VAL B 170 -1.59 18.27 13.66
C VAL B 170 -1.37 19.25 14.86
C VAL B 170 -1.61 19.34 14.75
N THR B 171 -2.07 18.95 15.94
CA THR B 171 -2.09 19.87 17.10
C THR B 171 -1.81 19.16 18.42
N LYS B 172 -1.30 19.89 19.40
CA LYS B 172 -1.01 19.30 20.68
C LYS B 172 -2.26 19.45 21.54
N VAL B 173 -2.68 18.34 22.12
CA VAL B 173 -3.83 18.29 23.06
C VAL B 173 -3.39 18.62 24.52
N CYS B 174 -2.43 17.85 25.05
CA CYS B 174 -1.85 18.03 26.39
C CYS B 174 -0.59 17.20 26.61
N ASN B 175 0.15 17.55 27.66
CA ASN B 175 1.18 16.68 28.24
C ASN B 175 0.60 15.58 29.12
N VAL B 176 1.25 14.43 29.15
CA VAL B 176 0.91 13.36 30.12
C VAL B 176 2.15 12.99 30.95
N ASN B 177 2.12 13.35 32.23
CA ASN B 177 3.24 13.09 33.15
C ASN B 177 3.38 11.61 33.37
N ARG B 178 4.62 11.11 33.44
CA ARG B 178 4.85 9.68 33.75
C ARG B 178 4.04 9.17 34.95
N SER B 179 3.74 10.04 35.92
CA SER B 179 2.97 9.61 37.13
C SER B 179 1.50 9.23 36.81
N SER B 180 1.07 9.59 35.61
CA SER B 180 -0.29 9.28 35.17
C SER B 180 -0.44 7.84 34.67
N PHE B 181 0.64 7.06 34.71
CA PHE B 181 0.67 5.66 34.25
C PHE B 181 0.96 4.72 35.40
N ASN B 182 0.37 3.53 35.32
CA ASN B 182 0.61 2.46 36.27
C ASN B 182 1.19 1.24 35.52
N PRO B 183 2.49 0.91 35.75
CA PRO B 183 3.47 1.64 36.58
C PRO B 183 4.05 2.82 35.81
N PRO B 184 4.58 3.84 36.53
CA PRO B 184 5.15 4.97 35.80
C PRO B 184 6.32 4.60 34.90
N PRO B 185 6.31 5.06 33.65
CA PRO B 185 7.49 4.93 32.78
C PRO B 185 8.63 5.87 33.17
N LYS B 186 9.72 5.84 32.41
CA LYS B 186 10.90 6.66 32.65
C LYS B 186 10.91 7.91 31.76
N VAL B 187 9.88 8.08 30.93
CA VAL B 187 9.72 9.27 30.11
C VAL B 187 8.27 9.73 30.08
N ASP B 188 8.04 10.98 29.70
CA ASP B 188 6.70 11.53 29.70
C ASP B 188 6.07 11.39 28.33
N SER B 189 4.74 11.61 28.26
CA SER B 189 3.99 11.49 26.98
C SER B 189 3.30 12.77 26.58
N VAL B 190 2.77 12.77 25.36
CA VAL B 190 2.08 13.92 24.82
C VAL B 190 0.95 13.36 23.95
N ILE B 191 -0.24 13.92 24.10
CA ILE B 191 -1.36 13.58 23.23
C ILE B 191 -1.44 14.63 22.14
N VAL B 192 -1.51 14.15 20.91
CA VAL B 192 -1.67 14.98 19.71
C VAL B 192 -3.00 14.64 19.02
N LYS B 193 -3.53 15.60 18.28
CA LYS B 193 -4.70 15.40 17.42
C LYS B 193 -4.33 15.56 15.97
N LEU B 194 -4.80 14.61 15.16
CA LEU B 194 -4.65 14.66 13.73
C LEU B 194 -6.00 14.81 13.04
N ILE B 195 -6.11 15.84 12.20
CA ILE B 195 -7.25 15.99 11.29
C ILE B 195 -6.80 15.92 9.84
N PRO B 196 -7.04 14.78 9.16
CA PRO B 196 -6.64 14.50 7.77
C PRO B 196 -7.13 15.57 6.80
N LYS B 197 -6.30 15.91 5.82
CA LYS B 197 -6.68 16.86 4.78
C LYS B 197 -6.98 16.09 3.49
N GLU B 198 -8.22 16.05 3.03
CA GLU B 198 -8.58 15.18 1.89
C GLU B 198 -7.75 15.40 0.60
N SER B 199 -7.44 16.63 0.25
CA SER B 199 -6.78 16.87 -1.05
C SER B 199 -5.35 16.32 -1.11
N SER B 200 -4.72 16.20 0.05
CA SER B 200 -3.34 15.74 0.14
C SER B 200 -3.24 14.29 -0.30
N PHE B 201 -4.35 13.58 -0.16
CA PHE B 201 -4.34 12.18 -0.52
C PHE B 201 -4.30 11.88 -2.01
N LEU B 202 -4.35 12.93 -2.82
CA LEU B 202 -3.97 12.79 -4.24
C LEU B 202 -2.45 12.54 -4.45
N THR B 203 -1.63 12.90 -3.46
CA THR B 203 -0.17 12.71 -3.56
C THR B 203 0.21 11.22 -3.60
N ASN B 204 1.12 10.86 -4.49
CA ASN B 204 1.63 9.49 -4.53
C ASN B 204 2.59 9.30 -3.34
N PHE B 205 2.07 8.72 -2.25
CA PHE B 205 2.89 8.57 -1.05
C PHE B 205 4.24 7.88 -1.24
N ASP B 206 4.29 6.81 -2.04
CA ASP B 206 5.55 6.09 -2.25
C ASP B 206 6.64 7.01 -2.82
N GLU B 207 6.28 7.78 -3.84
CA GLU B 207 7.18 8.81 -4.40
C GLU B 207 7.51 9.96 -3.43
N TRP B 208 6.50 10.52 -2.79
CA TRP B 208 6.69 11.58 -1.80
C TRP B 208 7.73 11.17 -0.73
N ASP B 209 7.51 9.99 -0.13
CA ASP B 209 8.34 9.55 0.99
C ASP B 209 9.77 9.31 0.48
N ASN B 210 9.87 8.77 -0.73
CA ASN B 210 11.17 8.53 -1.36
C ASN B 210 11.93 9.81 -1.63
N LEU B 211 11.26 10.83 -2.13
CA LEU B 211 11.90 12.12 -2.35
C LEU B 211 12.37 12.71 -1.00
N LEU B 212 11.52 12.67 0.02
CA LEU B 212 11.95 13.16 1.35
C LEU B 212 13.12 12.37 1.91
N ARG B 213 13.16 11.05 1.71
CA ARG B 213 14.30 10.27 2.21
C ARG B 213 15.61 10.73 1.54
N ILE B 214 15.52 11.13 0.27
CA ILE B 214 16.72 11.62 -0.42
C ILE B 214 17.14 12.96 0.16
N CYS B 215 16.19 13.88 0.28
CA CYS B 215 16.45 15.22 0.78
C CYS B 215 16.83 15.26 2.25
N PHE B 216 16.27 14.38 3.06
CA PHE B 216 16.56 14.37 4.51
C PHE B 216 17.74 13.48 4.93
N SER B 217 18.40 12.85 3.97
N SER B 217 18.38 12.83 3.97
CA SER B 217 19.60 12.03 4.27
CA SER B 217 19.60 12.05 4.25
C SER B 217 20.70 12.92 4.86
C SER B 217 20.60 12.97 4.95
N ARG B 218 20.79 14.16 4.36
CA ARG B 218 21.68 15.20 4.88
C ARG B 218 20.88 16.48 4.92
N LYS B 219 20.02 16.60 5.94
CA LYS B 219 18.96 17.63 5.95
C LYS B 219 19.41 19.09 6.07
N ARG B 220 20.65 19.31 6.54
CA ARG B 220 21.21 20.69 6.52
C ARG B 220 22.13 21.03 5.32
N LYS B 221 22.23 20.13 4.35
CA LYS B 221 22.90 20.44 3.10
C LYS B 221 21.94 21.06 2.08
N THR B 222 22.50 21.80 1.11
CA THR B 222 21.68 22.41 0.05
C THR B 222 21.15 21.33 -0.87
N LEU B 223 20.04 21.60 -1.55
CA LEU B 223 19.48 20.62 -2.52
C LEU B 223 20.47 20.34 -3.63
N HIS B 224 21.17 21.39 -4.09
CA HIS B 224 22.22 21.16 -5.10
C HIS B 224 23.25 20.13 -4.65
N ALA B 225 23.74 20.26 -3.42
CA ALA B 225 24.68 19.28 -2.85
C ALA B 225 24.09 17.85 -2.73
N ILE B 226 22.80 17.76 -2.45
CA ILE B 226 22.14 16.46 -2.38
C ILE B 226 22.03 15.83 -3.76
N PHE B 227 21.51 16.57 -4.72
CA PHE B 227 21.22 15.99 -6.04
C PHE B 227 22.42 15.82 -6.95
N LYS B 228 23.49 16.56 -6.71
CA LYS B 228 24.67 16.43 -7.60
C LYS B 228 25.43 15.15 -7.34
N ARG B 229 25.15 14.47 -6.20
CA ARG B 229 25.82 13.23 -5.86
C ARG B 229 25.57 12.16 -6.91
N ASN B 230 26.64 11.49 -7.31
CA ASN B 230 26.55 10.53 -8.41
C ASN B 230 25.62 9.33 -8.16
N ALA B 231 25.55 8.87 -6.92
CA ALA B 231 24.68 7.75 -6.57
C ALA B 231 23.20 8.12 -6.70
N VAL B 232 22.85 9.36 -6.37
CA VAL B 232 21.47 9.85 -6.51
C VAL B 232 21.17 10.05 -8.00
N LEU B 233 22.08 10.68 -8.72
CA LEU B 233 21.93 10.84 -10.18
C LEU B 233 21.81 9.51 -10.93
N ASN B 234 22.59 8.52 -10.56
CA ASN B 234 22.48 7.21 -11.20
C ASN B 234 21.12 6.55 -10.98
N MET B 235 20.63 6.64 -9.76
CA MET B 235 19.39 5.96 -9.44
C MET B 235 18.22 6.69 -10.16
N LEU B 236 18.24 8.02 -10.16
CA LEU B 236 17.19 8.78 -10.85
C LEU B 236 17.25 8.64 -12.37
N GLU B 237 18.46 8.55 -12.94
CA GLU B 237 18.61 8.34 -14.39
C GLU B 237 18.10 6.95 -14.82
N HIS B 238 18.43 5.95 -14.02
CA HIS B 238 17.92 4.59 -14.27
C HIS B 238 16.36 4.58 -14.30
N ASN B 239 15.74 5.20 -13.31
CA ASN B 239 14.24 5.35 -13.29
C ASN B 239 13.73 6.18 -14.48
N TYR B 240 14.43 7.27 -14.81
CA TYR B 240 14.04 8.07 -15.95
C TYR B 240 14.05 7.22 -17.23
N LYS B 241 15.11 6.44 -17.42
CA LYS B 241 15.19 5.58 -18.60
C LYS B 241 14.08 4.51 -18.66
N ASN B 242 13.79 3.86 -17.54
CA ASN B 242 12.69 2.90 -17.48
C ASN B 242 11.35 3.60 -17.76
N TRP B 243 11.16 4.81 -17.25
CA TRP B 243 9.93 5.57 -17.50
C TRP B 243 9.73 5.82 -18.99
N CYS B 244 10.80 6.29 -19.64
CA CYS B 244 10.80 6.55 -21.09
C CYS B 244 10.44 5.33 -21.91
N THR B 245 10.96 4.17 -21.54
CA THR B 245 10.67 2.99 -22.35
C THR B 245 9.27 2.46 -22.05
N LEU B 246 8.87 2.45 -20.77
CA LEU B 246 7.51 2.10 -20.36
C LEU B 246 6.44 2.95 -21.08
N ASN B 247 6.69 4.24 -21.21
CA ASN B 247 5.73 5.15 -21.83
C ASN B 247 6.06 5.57 -23.28
N LYS B 248 7.00 4.87 -23.91
CA LYS B 248 7.45 5.18 -25.29
C LYS B 248 7.74 6.66 -25.50
N GLN B 249 8.56 7.25 -24.65
CA GLN B 249 8.94 8.65 -24.80
C GLN B 249 10.37 8.66 -25.35
N VAL B 250 10.78 9.77 -25.94
CA VAL B 250 12.14 9.92 -26.41
C VAL B 250 12.96 10.54 -25.28
N PRO B 251 13.94 9.79 -24.73
CA PRO B 251 14.84 10.29 -23.68
C PRO B 251 15.56 11.55 -24.17
N VAL B 252 15.69 12.58 -23.33
CA VAL B 252 16.45 13.77 -23.73
C VAL B 252 17.90 13.41 -24.12
N ASN B 253 18.47 14.25 -25.00
CA ASN B 253 19.80 14.04 -25.53
C ASN B 253 20.89 14.59 -24.58
N PHE B 254 20.58 15.69 -23.89
CA PHE B 254 21.45 16.30 -22.89
C PHE B 254 21.91 15.30 -21.79
N PRO B 255 23.03 15.60 -21.07
CA PRO B 255 23.35 14.78 -19.88
C PRO B 255 22.26 14.84 -18.79
N PHE B 256 21.99 13.72 -18.15
CA PHE B 256 20.94 13.65 -17.14
C PHE B 256 21.22 14.59 -15.97
N LYS B 257 22.49 14.72 -15.60
CA LYS B 257 22.87 15.64 -14.53
C LYS B 257 22.26 17.00 -14.74
N LYS B 258 22.45 17.55 -15.93
CA LYS B 258 21.87 18.88 -16.25
C LYS B 258 20.34 18.88 -16.30
N TYR B 259 19.77 17.83 -16.88
CA TYR B 259 18.33 17.65 -16.95
C TYR B 259 17.71 17.63 -15.55
N CYS B 260 18.36 16.90 -14.64
CA CYS B 260 17.91 16.76 -13.27
C CYS B 260 18.15 18.02 -12.44
N LEU B 261 19.38 18.55 -12.44
CA LEU B 261 19.67 19.79 -11.69
C LEU B 261 18.96 21.06 -12.18
N ASP B 262 18.62 21.12 -13.46
CA ASP B 262 17.78 22.20 -13.99
C ASP B 262 16.42 22.37 -13.26
N VAL B 263 15.90 21.29 -12.67
CA VAL B 263 14.65 21.41 -11.89
C VAL B 263 14.89 22.34 -10.71
N LEU B 264 15.98 22.09 -9.98
CA LEU B 264 16.30 22.96 -8.82
C LEU B 264 16.47 24.44 -9.21
N GLU B 265 17.19 24.67 -10.30
CA GLU B 265 17.45 26.01 -10.80
C GLU B 265 16.18 26.71 -11.25
N HIS B 266 15.29 25.97 -11.92
CA HIS B 266 13.99 26.49 -12.30
C HIS B 266 13.18 26.96 -11.09
N LEU B 267 13.21 26.20 -9.98
CA LEU B 267 12.45 26.56 -8.79
C LEU B 267 13.25 27.45 -7.84
N ASP B 268 14.48 27.79 -8.23
CA ASP B 268 15.33 28.63 -7.40
C ASP B 268 15.61 28.00 -6.03
N MET B 269 15.87 26.71 -6.03
CA MET B 269 16.00 25.94 -4.79
C MET B 269 17.39 25.31 -4.65
N CYS B 270 18.29 25.63 -5.58
CA CYS B 270 19.64 25.10 -5.54
C CYS B 270 20.31 25.30 -4.17
N GLU B 271 20.11 26.46 -3.56
CA GLU B 271 20.83 26.82 -2.33
C GLU B 271 20.00 26.65 -1.07
N LYS B 272 18.78 26.15 -1.24
CA LYS B 272 17.91 25.88 -0.09
C LYS B 272 18.28 24.56 0.60
N ARG B 273 18.09 24.47 1.93
CA ARG B 273 18.35 23.24 2.66
C ARG B 273 17.03 22.63 3.13
N SER B 274 16.94 21.31 3.09
CA SER B 274 15.65 20.61 3.34
C SER B 274 15.05 20.93 4.70
N ILE B 275 15.89 21.03 5.73
CA ILE B 275 15.45 21.44 7.07
C ILE B 275 14.66 22.75 7.13
N ASN B 276 14.90 23.66 6.18
CA ASN B 276 14.24 24.96 6.14
C ASN B 276 13.05 25.05 5.15
N LEU B 277 12.74 23.92 4.51
CA LEU B 277 11.61 23.88 3.54
C LEU B 277 10.38 23.23 4.18
N ASP B 278 9.17 23.55 3.69
CA ASP B 278 7.99 22.88 4.20
C ASP B 278 7.30 22.04 3.12
N GLU B 279 6.14 21.49 3.47
CA GLU B 279 5.43 20.61 2.52
C GLU B 279 5.09 21.30 1.17
N ASN B 280 4.83 22.59 1.17
CA ASN B 280 4.59 23.26 -0.12
C ASN B 280 5.81 23.33 -1.05
N ASP B 281 7.00 23.51 -0.47
CA ASP B 281 8.22 23.42 -1.25
C ASP B 281 8.42 22.02 -1.81
N PHE B 282 8.19 21.00 -1.01
CA PHE B 282 8.40 19.65 -1.53
C PHE B 282 7.34 19.24 -2.56
N LEU B 283 6.11 19.72 -2.38
CA LEU B 283 5.07 19.40 -3.39
C LEU B 283 5.47 19.93 -4.77
N LYS B 284 5.99 21.15 -4.79
CA LYS B 284 6.49 21.76 -6.03
C LYS B 284 7.64 20.99 -6.67
N LEU B 285 8.65 20.60 -5.86
CA LEU B 285 9.74 19.77 -6.39
C LEU B 285 9.24 18.50 -6.99
N LEU B 286 8.37 17.80 -6.25
CA LEU B 286 7.83 16.53 -6.73
C LEU B 286 7.12 16.73 -8.07
N LEU B 287 6.29 17.76 -8.15
CA LEU B 287 5.51 18.02 -9.39
C LEU B 287 6.43 18.31 -10.58
N GLU B 288 7.45 19.12 -10.34
CA GLU B 288 8.39 19.47 -11.42
C GLU B 288 9.30 18.33 -11.84
N PHE B 289 9.81 17.55 -10.90
CA PHE B 289 10.50 16.32 -11.28
C PHE B 289 9.63 15.39 -12.14
N ASN B 290 8.38 15.14 -11.69
CA ASN B 290 7.50 14.19 -12.38
C ASN B 290 7.11 14.69 -13.78
N LYS B 291 6.95 16.00 -13.91
CA LYS B 291 6.75 16.69 -15.22
C LYS B 291 7.81 16.26 -16.28
N LYS B 292 9.07 16.13 -15.82
CA LYS B 292 10.20 15.73 -16.64
C LYS B 292 10.31 14.23 -16.75
N GLY B 293 9.37 13.49 -16.16
CA GLY B 293 9.40 12.03 -16.18
C GLY B 293 10.43 11.45 -15.24
N ILE B 294 10.82 12.25 -14.24
CA ILE B 294 11.72 11.77 -13.17
C ILE B 294 10.87 11.35 -11.97
N HIS B 295 10.88 10.06 -11.64
CA HIS B 295 10.05 9.52 -10.60
C HIS B 295 10.90 8.90 -9.50
N PHE B 296 10.39 8.96 -8.27
CA PHE B 296 11.11 8.44 -7.12
C PHE B 296 10.70 7.02 -6.77
N PHE B 297 11.49 6.10 -7.30
CA PHE B 297 11.40 4.63 -7.13
C PHE B 297 10.12 4.00 -7.66
#